data_2A8H
#
_entry.id   2A8H
#
_cell.length_a   48.367
_cell.length_b   59.209
_cell.length_c   198.011
_cell.angle_alpha   90.00
_cell.angle_beta   90.00
_cell.angle_gamma   90.00
#
_symmetry.space_group_name_H-M   'P 21 21 21'
#
loop_
_entity.id
_entity.type
_entity.pdbx_description
1 polymer 'ADAM 17'
2 non-polymer 'ZINC ION'
3 non-polymer 4-({4-[(4-AMINOBUT-2-YNYL)OXY]PHENYL}SULFONYL)-N-HYDROXY-2,2-DIMETHYLTHIOMORPHOLINE-3-CARBOXAMIDE
4 water water
#
_entity_poly.entity_id   1
_entity_poly.type   'polypeptide(L)'
_entity_poly.pdbx_seq_one_letter_code
;RADPDPMKNTCKLLVVADHRFYRYMGRGEESTTTNYLIELIDRVDDIYRNTAWDNAGFKGYGIQIEQIRILKSPQEVKPG
EKHYNMAKSYPNEEKDAWDVKMLLEQFSFDIAEEASKVCLAHLFTYQDFDMGTLGLAYVGSPRANSHGGVCPKAYYSPVG
KKNIYLNSGLTSTKNYGKTILTKEADLVTTHELGHNFGAEHDPDGLAECAPNEDQGGKYVMYPIAVSGDHENNKMFSQCS
KQSIYKTIESKAQECFQERSNKVGSHHHHHH
;
_entity_poly.pdbx_strand_id   A,B
#
# COMPACT_ATOMS: atom_id res chain seq x y z
N ASP A 3 42.01 25.60 13.81
CA ASP A 3 41.48 25.96 12.47
C ASP A 3 40.78 24.74 11.83
N PRO A 4 39.75 24.97 11.00
CA PRO A 4 39.11 23.86 10.30
C PRO A 4 39.97 23.24 9.19
N ASP A 5 39.85 21.93 9.04
CA ASP A 5 40.52 21.20 7.97
C ASP A 5 39.56 21.14 6.76
N PRO A 6 39.88 21.88 5.68
CA PRO A 6 39.06 21.86 4.45
C PRO A 6 38.92 20.46 3.83
N MET A 7 39.87 19.58 4.14
CA MET A 7 39.81 18.16 3.79
C MET A 7 38.88 17.36 4.70
N LYS A 8 38.54 17.90 5.87
CA LYS A 8 37.76 17.17 6.85
C LYS A 8 36.66 18.04 7.46
N ASN A 9 35.70 18.46 6.65
CA ASN A 9 34.68 19.42 7.10
C ASN A 9 33.27 19.05 6.72
N THR A 10 33.12 17.83 6.23
CA THR A 10 31.84 17.41 5.70
C THR A 10 31.51 15.99 6.13
N CYS A 11 30.32 15.85 6.74
CA CYS A 11 29.77 14.57 7.11
C CYS A 11 28.87 14.08 5.98
N LYS A 12 29.30 13.01 5.30
CA LYS A 12 28.60 12.51 4.13
C LYS A 12 27.55 11.51 4.56
N LEU A 13 26.36 11.63 3.96
CA LEU A 13 25.22 10.87 4.38
C LEU A 13 24.79 9.78 3.44
N LEU A 14 24.22 8.75 4.04
CA LEU A 14 23.34 7.83 3.37
C LEU A 14 21.94 8.24 3.76
N VAL A 15 21.17 8.51 2.73
CA VAL A 15 19.81 8.94 2.89
C VAL A 15 18.90 7.86 2.34
N VAL A 16 17.99 7.37 3.16
CA VAL A 16 17.02 6.35 2.74
C VAL A 16 15.60 6.93 2.78
N ALA A 17 14.85 6.70 1.70
CA ALA A 17 13.41 6.93 1.71
C ALA A 17 12.64 5.60 1.67
N ASP A 18 11.84 5.33 2.69
CA ASP A 18 11.03 4.12 2.67
C ASP A 18 9.75 4.29 1.80
N HIS A 19 8.94 3.24 1.70
CA HIS A 19 7.81 3.26 0.77
C HIS A 19 6.73 4.25 1.21
N ARG A 20 6.67 4.53 2.51
CA ARG A 20 5.69 5.50 3.00
C ARG A 20 6.04 6.91 2.54
N PHE A 21 7.34 7.21 2.47
CA PHE A 21 7.85 8.52 2.01
C PHE A 21 7.75 8.65 0.48
N TYR A 22 8.21 7.62 -0.21
CA TYR A 22 8.10 7.49 -1.65
C TYR A 22 6.69 7.78 -2.13
N ARG A 23 5.72 7.15 -1.48
CA ARG A 23 4.36 7.19 -1.91
C ARG A 23 3.65 8.49 -1.53
N TYR A 24 3.75 8.88 -0.27
CA TYR A 24 3.00 10.05 0.17
C TYR A 24 3.73 11.36 -0.17
N MET A 25 4.99 11.48 0.24
CA MET A 25 5.81 12.68 -0.04
C MET A 25 6.33 12.79 -1.48
N GLY A 26 6.86 11.69 -2.02
CA GLY A 26 7.44 11.70 -3.36
C GLY A 26 6.46 11.37 -4.48
N ARG A 27 5.18 11.27 -4.14
CA ARG A 27 4.10 10.96 -5.08
C ARG A 27 4.36 9.72 -5.94
N GLY A 28 5.11 8.78 -5.38
CA GLY A 28 5.42 7.52 -6.06
C GLY A 28 6.26 7.75 -7.29
N GLU A 29 7.14 8.74 -7.22
CA GLU A 29 8.00 9.14 -8.32
C GLU A 29 9.41 9.28 -7.78
N GLU A 30 10.36 8.56 -8.40
CA GLU A 30 11.75 8.58 -7.93
C GLU A 30 12.32 10.00 -7.92
N SER A 31 12.09 10.73 -9.01
CA SER A 31 12.67 12.05 -9.23
C SER A 31 12.19 13.05 -8.19
N THR A 32 10.91 13.03 -7.90
CA THR A 32 10.33 13.93 -6.92
C THR A 32 10.92 13.69 -5.52
N THR A 33 10.90 12.41 -5.09
CA THR A 33 11.42 11.95 -3.80
C THR A 33 12.87 12.34 -3.70
N THR A 34 13.66 11.97 -4.70
CA THR A 34 15.08 12.25 -4.74
C THR A 34 15.37 13.74 -4.60
N ASN A 35 14.70 14.55 -5.41
CA ASN A 35 14.90 16.00 -5.40
C ASN A 35 14.48 16.65 -4.08
N TYR A 36 13.36 16.22 -3.53
CA TYR A 36 12.86 16.75 -2.27
C TYR A 36 13.96 16.63 -1.20
N LEU A 37 14.62 15.47 -1.19
CA LEU A 37 15.58 15.11 -0.17
C LEU A 37 16.94 15.76 -0.39
N ILE A 38 17.37 15.82 -1.66
CA ILE A 38 18.53 16.61 -2.06
C ILE A 38 18.36 18.08 -1.63
N GLU A 39 17.17 18.66 -1.84
CA GLU A 39 16.91 20.04 -1.46
C GLU A 39 16.85 20.23 0.07
N LEU A 40 16.14 19.33 0.75
CA LEU A 40 16.06 19.37 2.21
C LEU A 40 17.45 19.38 2.84
N ILE A 41 18.30 18.46 2.43
CA ILE A 41 19.61 18.33 3.01
C ILE A 41 20.44 19.54 2.72
N ASP A 42 20.41 20.01 1.47
CA ASP A 42 21.07 21.26 1.12
C ASP A 42 20.62 22.42 1.99
N ARG A 43 19.33 22.53 2.29
CA ARG A 43 18.85 23.60 3.21
C ARG A 43 19.28 23.40 4.69
N VAL A 44 19.28 22.16 5.17
CA VAL A 44 19.88 21.81 6.47
C VAL A 44 21.39 22.10 6.47
N ASP A 45 22.06 21.80 5.36
CA ASP A 45 23.50 22.09 5.20
C ASP A 45 23.83 23.59 5.40
N ASP A 46 22.96 24.47 4.89
CA ASP A 46 23.17 25.92 5.01
C ASP A 46 23.20 26.35 6.49
N ILE A 47 22.35 25.75 7.30
CA ILE A 47 22.37 26.00 8.75
C ILE A 47 23.69 25.58 9.35
N TYR A 48 24.08 24.33 9.13
CA TYR A 48 25.33 23.78 9.70
C TYR A 48 26.53 24.58 9.23
N ARG A 49 26.66 24.71 7.91
CA ARG A 49 27.86 25.28 7.28
C ARG A 49 28.10 26.70 7.79
N ASN A 50 27.02 27.41 8.07
CA ASN A 50 27.14 28.78 8.55
C ASN A 50 27.28 28.92 10.07
N THR A 51 27.22 27.81 10.78
CA THR A 51 27.30 27.87 12.24
C THR A 51 28.78 28.01 12.62
N ALA A 52 29.07 29.00 13.47
CA ALA A 52 30.40 29.10 14.07
C ALA A 52 30.32 28.41 15.42
N TRP A 53 30.88 27.21 15.54
CA TRP A 53 30.73 26.41 16.77
C TRP A 53 31.49 26.93 17.98
N ASP A 54 32.56 27.69 17.74
CA ASP A 54 33.30 28.39 18.83
C ASP A 54 33.05 29.92 18.80
N ASN A 55 31.98 30.34 18.11
CA ASN A 55 31.64 31.76 17.91
C ASN A 55 32.78 32.62 17.34
N ALA A 56 33.69 31.97 16.62
CA ALA A 56 34.74 32.65 15.88
C ALA A 56 34.84 32.06 14.46
N GLY A 57 35.91 31.32 14.17
CA GLY A 57 36.19 30.81 12.82
C GLY A 57 36.06 29.29 12.64
N PHE A 58 35.50 28.61 13.64
CA PHE A 58 35.31 27.17 13.52
C PHE A 58 33.95 26.97 12.89
N LYS A 59 33.93 27.10 11.57
CA LYS A 59 32.71 27.09 10.79
C LYS A 59 33.05 26.47 9.46
N GLY A 60 32.03 26.28 8.60
CA GLY A 60 32.20 25.59 7.31
C GLY A 60 31.97 24.08 7.39
N TYR A 61 31.58 23.57 8.57
CA TYR A 61 31.18 22.16 8.74
C TYR A 61 29.74 21.89 8.28
N GLY A 62 29.57 20.83 7.50
CA GLY A 62 28.28 20.63 6.81
C GLY A 62 28.00 19.18 6.49
N ILE A 63 26.93 18.94 5.75
CA ILE A 63 26.58 17.60 5.38
C ILE A 63 26.28 17.56 3.89
N GLN A 64 26.61 16.43 3.26
CA GLN A 64 26.32 16.20 1.85
C GLN A 64 25.90 14.75 1.70
N ILE A 65 25.06 14.47 0.71
CA ILE A 65 24.65 13.10 0.38
C ILE A 65 25.73 12.32 -0.40
N GLU A 66 26.20 11.22 0.21
CA GLU A 66 27.07 10.23 -0.48
C GLU A 66 26.26 9.33 -1.41
N GLN A 67 25.11 8.87 -0.90
CA GLN A 67 24.27 7.88 -1.54
C GLN A 67 22.83 8.09 -1.09
N ILE A 68 21.90 8.06 -2.04
CA ILE A 68 20.47 8.02 -1.73
C ILE A 68 19.90 6.67 -2.12
N ARG A 69 19.00 6.15 -1.29
CA ARG A 69 18.33 4.88 -1.53
C ARG A 69 16.85 5.13 -1.42
N ILE A 70 16.11 4.74 -2.45
CA ILE A 70 14.66 4.92 -2.47
C ILE A 70 13.98 3.56 -2.45
N LEU A 71 13.06 3.38 -1.52
CA LEU A 71 12.37 2.11 -1.37
C LEU A 71 10.94 2.19 -1.84
N LYS A 72 10.70 1.67 -3.03
CA LYS A 72 9.44 1.89 -3.75
C LYS A 72 8.21 1.18 -3.17
N SER A 73 8.39 -0.06 -2.69
CA SER A 73 7.31 -0.84 -2.08
C SER A 73 7.77 -1.50 -0.78
N PRO A 74 6.82 -1.89 0.10
CA PRO A 74 7.17 -2.46 1.40
C PRO A 74 8.02 -3.72 1.34
N GLN A 75 8.82 -3.92 2.38
CA GLN A 75 9.59 -5.16 2.52
C GLN A 75 8.62 -6.27 2.90
N GLU A 76 8.46 -7.20 1.96
CA GLU A 76 7.65 -8.41 2.20
C GLU A 76 8.29 -9.22 3.33
N VAL A 77 7.45 -9.57 4.28
CA VAL A 77 7.92 -10.15 5.53
C VAL A 77 7.13 -11.43 5.90
N LYS A 78 7.87 -12.44 6.38
CA LYS A 78 7.25 -13.71 6.78
C LYS A 78 6.69 -13.57 8.19
N PRO A 79 5.87 -14.54 8.65
CA PRO A 79 5.37 -14.46 10.04
C PRO A 79 6.53 -14.38 11.05
N GLY A 80 6.28 -13.67 12.15
CA GLY A 80 7.30 -13.43 13.18
C GLY A 80 8.52 -12.60 12.74
N GLU A 81 8.50 -12.14 11.50
CA GLU A 81 9.60 -11.38 10.92
C GLU A 81 9.30 -9.89 10.80
N LYS A 82 10.35 -9.09 10.86
CA LYS A 82 10.21 -7.63 10.82
C LYS A 82 11.37 -6.94 10.10
N HIS A 83 11.06 -5.78 9.51
CA HIS A 83 12.01 -4.97 8.71
C HIS A 83 11.57 -3.52 8.77
N TYR A 84 12.50 -2.57 8.76
CA TYR A 84 12.12 -1.15 8.87
C TYR A 84 11.20 -0.66 7.72
N ASN A 85 11.37 -1.26 6.55
CA ASN A 85 10.56 -0.94 5.37
C ASN A 85 9.29 -1.79 5.18
N MET A 86 8.90 -2.54 6.20
CA MET A 86 7.71 -3.38 6.08
C MET A 86 6.41 -2.56 6.19
N ALA A 87 5.35 -3.04 5.54
CA ALA A 87 4.07 -2.32 5.48
C ALA A 87 3.42 -2.14 6.84
N LYS A 88 3.76 -3.05 7.76
CA LYS A 88 3.15 -3.11 9.07
C LYS A 88 3.84 -2.17 10.07
N SER A 89 3.05 -1.51 10.89
CA SER A 89 3.52 -0.80 12.07
C SER A 89 3.81 -1.76 13.24
N TYR A 90 5.04 -1.71 13.75
CA TYR A 90 5.48 -2.53 14.87
C TYR A 90 5.74 -1.67 16.12
N PRO A 91 5.31 -2.14 17.32
CA PRO A 91 4.69 -3.44 17.60
C PRO A 91 3.16 -3.53 17.41
N ASN A 92 2.44 -2.45 17.70
CA ASN A 92 0.98 -2.40 17.53
C ASN A 92 0.59 -2.15 16.06
N GLU A 93 0.12 -3.18 15.37
CA GLU A 93 -0.21 -3.00 13.95
C GLU A 93 -1.49 -2.20 13.68
N GLU A 94 -2.28 -1.96 14.72
CA GLU A 94 -3.47 -1.09 14.60
C GLU A 94 -3.11 0.39 14.47
N LYS A 95 -2.11 0.84 15.25
CA LYS A 95 -1.60 2.22 15.15
C LYS A 95 -0.91 2.48 13.81
N ASP A 96 -0.98 3.72 13.34
CA ASP A 96 -0.45 4.12 12.02
C ASP A 96 1.08 4.02 11.92
N ALA A 97 1.75 4.13 13.06
CA ALA A 97 3.19 4.20 13.12
C ALA A 97 3.81 3.25 14.14
N TRP A 98 5.00 2.76 13.81
CA TRP A 98 5.90 2.12 14.77
C TRP A 98 6.03 2.88 16.08
N ASP A 99 6.56 2.16 17.07
CA ASP A 99 7.24 2.81 18.17
C ASP A 99 8.56 3.31 17.56
N VAL A 100 8.81 4.62 17.68
CA VAL A 100 9.94 5.30 17.05
C VAL A 100 11.33 4.73 17.42
N LYS A 101 11.52 4.40 18.70
CA LYS A 101 12.78 3.81 19.18
C LYS A 101 13.02 2.46 18.53
N MET A 102 11.98 1.64 18.45
CA MET A 102 12.04 0.33 17.81
C MET A 102 12.40 0.50 16.32
N LEU A 103 11.77 1.47 15.64
CA LEU A 103 12.10 1.78 14.23
C LEU A 103 13.55 2.20 13.99
N LEU A 104 14.08 3.08 14.84
CA LEU A 104 15.48 3.46 14.66
C LEU A 104 16.39 2.26 14.87
N GLU A 105 16.07 1.44 15.88
CA GLU A 105 16.82 0.20 16.17
C GLU A 105 16.70 -0.76 14.96
N GLN A 106 15.48 -1.06 14.54
CA GLN A 106 15.28 -1.86 13.33
C GLN A 106 16.07 -1.32 12.14
N PHE A 107 15.93 -0.03 11.84
CA PHE A 107 16.70 0.65 10.80
C PHE A 107 18.19 0.42 10.91
N SER A 108 18.79 0.74 12.06
CA SER A 108 20.24 0.59 12.28
C SER A 108 20.70 -0.83 12.06
N PHE A 109 19.84 -1.77 12.44
CA PHE A 109 20.10 -3.20 12.29
C PHE A 109 20.03 -3.58 10.81
N ASP A 110 18.92 -3.25 10.18
CA ASP A 110 18.74 -3.60 8.76
C ASP A 110 19.75 -2.93 7.83
N ILE A 111 20.18 -1.72 8.16
CA ILE A 111 21.02 -0.91 7.25
C ILE A 111 22.52 -1.01 7.55
N ALA A 112 22.87 -1.89 8.49
CA ALA A 112 24.23 -2.00 9.05
C ALA A 112 25.42 -2.03 8.06
N GLU A 113 25.30 -2.85 7.02
CA GLU A 113 26.36 -2.96 6.00
C GLU A 113 26.65 -1.63 5.30
N GLU A 114 25.60 -0.89 4.99
CA GLU A 114 25.72 0.41 4.32
C GLU A 114 26.13 1.52 5.30
N ALA A 115 25.55 1.48 6.50
CA ALA A 115 25.94 2.37 7.60
C ALA A 115 27.46 2.47 7.82
N SER A 116 28.17 1.34 7.69
CA SER A 116 29.64 1.25 7.88
C SER A 116 30.52 2.16 7.03
N LYS A 117 30.01 2.53 5.84
CA LYS A 117 30.78 3.34 4.89
C LYS A 117 30.53 4.84 5.01
N VAL A 118 29.60 5.25 5.87
CA VAL A 118 29.25 6.66 5.93
C VAL A 118 29.32 7.27 7.31
N CYS A 119 29.65 8.56 7.35
CA CYS A 119 29.57 9.37 8.55
C CYS A 119 28.25 9.14 9.31
N LEU A 120 27.12 9.21 8.59
CA LEU A 120 25.77 9.07 9.17
C LEU A 120 24.81 8.44 8.17
N ALA A 121 23.84 7.67 8.67
CA ALA A 121 22.70 7.20 7.88
C ALA A 121 21.43 7.81 8.42
N HIS A 122 20.57 8.28 7.52
CA HIS A 122 19.34 8.91 7.91
C HIS A 122 18.16 8.32 7.16
N LEU A 123 17.18 7.85 7.93
CA LEU A 123 15.91 7.42 7.36
C LEU A 123 14.86 8.53 7.32
N PHE A 124 14.22 8.64 6.16
CA PHE A 124 13.04 9.49 5.99
C PHE A 124 11.80 8.62 5.81
N THR A 125 10.76 8.92 6.59
CA THR A 125 9.55 8.12 6.56
C THR A 125 8.30 9.00 6.53
N TYR A 126 7.14 8.36 6.45
CA TYR A 126 5.87 9.06 6.49
C TYR A 126 4.86 8.30 7.33
N GLN A 127 4.98 8.43 8.64
CA GLN A 127 4.07 7.77 9.58
C GLN A 127 3.84 8.71 10.75
N ASP A 128 2.71 8.52 11.45
CA ASP A 128 2.29 9.43 12.52
C ASP A 128 2.60 8.86 13.91
N PHE A 129 3.78 9.18 14.43
CA PHE A 129 4.19 8.74 15.75
C PHE A 129 3.34 9.37 16.86
N ASP A 130 3.10 8.60 17.92
CA ASP A 130 2.37 9.06 19.11
C ASP A 130 2.89 10.36 19.70
N MET A 131 2.03 11.05 20.45
CA MET A 131 2.36 12.30 21.15
C MET A 131 3.26 13.27 20.38
N GLY A 132 3.04 13.36 19.06
CA GLY A 132 3.64 14.39 18.24
C GLY A 132 5.13 14.22 17.96
N THR A 133 5.63 13.01 18.19
CA THR A 133 7.03 12.69 17.91
C THR A 133 7.30 12.71 16.42
N LEU A 134 8.42 13.31 16.04
CA LEU A 134 8.74 13.44 14.62
C LEU A 134 10.06 12.83 14.18
N GLY A 135 10.95 12.57 15.14
CA GLY A 135 12.23 11.95 14.78
C GLY A 135 13.00 11.45 15.97
N LEU A 136 14.15 10.85 15.69
CA LEU A 136 14.98 10.24 16.70
C LEU A 136 16.35 9.94 16.12
N ALA A 137 17.38 10.01 16.97
CA ALA A 137 18.76 9.84 16.53
C ALA A 137 19.68 9.58 17.71
N TYR A 138 20.73 8.78 17.49
CA TYR A 138 21.75 8.61 18.51
C TYR A 138 22.59 9.88 18.70
N VAL A 139 22.92 10.18 19.96
CA VAL A 139 23.65 11.40 20.27
C VAL A 139 25.16 11.10 20.13
N GLY A 140 25.88 11.92 19.35
CA GLY A 140 27.29 11.74 19.10
C GLY A 140 28.09 12.20 20.29
N SER A 141 29.39 11.95 20.27
CA SER A 141 30.23 12.34 21.39
C SER A 141 31.67 12.46 20.92
N PRO A 142 32.51 13.21 21.66
CA PRO A 142 33.93 13.25 21.33
C PRO A 142 34.67 11.92 21.57
N ARG A 143 34.12 11.09 22.45
CA ARG A 143 34.77 9.83 22.81
C ARG A 143 34.95 8.89 21.63
N ALA A 144 36.16 8.40 21.44
CA ALA A 144 36.42 7.38 20.40
C ALA A 144 35.60 6.11 20.62
N ASN A 145 35.40 5.75 21.87
CA ASN A 145 34.85 4.48 22.29
C ASN A 145 33.32 4.45 22.18
N SER A 146 32.74 5.65 22.15
CA SER A 146 31.31 5.88 22.13
C SER A 146 30.62 5.24 20.93
N HIS A 147 29.39 4.80 21.15
CA HIS A 147 28.58 4.34 20.05
C HIS A 147 27.40 5.30 19.94
N GLY A 148 27.25 5.85 18.76
CA GLY A 148 26.18 6.76 18.53
C GLY A 148 26.67 8.01 17.87
N GLY A 149 25.90 8.44 16.91
CA GLY A 149 26.11 9.75 16.28
C GLY A 149 27.21 9.69 15.26
N VAL A 150 27.84 10.83 14.98
CA VAL A 150 28.80 10.91 13.86
C VAL A 150 29.92 9.85 13.95
N CYS A 151 30.08 9.14 12.82
CA CYS A 151 31.21 8.26 12.50
C CYS A 151 30.95 6.81 12.90
N PRO A 152 31.08 5.87 11.92
CA PRO A 152 30.79 4.45 12.14
C PRO A 152 31.74 3.78 13.13
N LYS A 153 31.19 3.27 14.21
CA LYS A 153 32.00 2.53 15.12
C LYS A 153 31.34 1.19 15.35
N ALA A 154 31.96 0.10 14.91
CA ALA A 154 31.34 -1.23 15.07
C ALA A 154 31.14 -1.63 16.53
N TYR A 155 29.97 -2.16 16.85
CA TYR A 155 29.88 -3.01 18.02
C TYR A 155 29.29 -4.31 17.56
N TYR A 156 29.82 -5.41 18.13
CA TYR A 156 29.31 -6.73 17.81
C TYR A 156 28.02 -6.99 18.59
N SER A 157 26.97 -7.39 17.89
CA SER A 157 25.71 -7.80 18.50
C SER A 157 25.58 -9.35 18.48
N PRO A 158 25.71 -10.01 19.67
CA PRO A 158 25.51 -11.45 19.68
C PRO A 158 24.14 -11.89 19.16
N VAL A 159 23.07 -11.23 19.57
CA VAL A 159 21.74 -11.56 19.03
C VAL A 159 21.61 -11.33 17.49
N GLY A 160 22.05 -10.18 17.00
CA GLY A 160 21.93 -9.91 15.59
C GLY A 160 22.93 -10.64 14.71
N LYS A 161 23.87 -11.37 15.32
CA LYS A 161 24.91 -12.08 14.56
C LYS A 161 25.76 -11.23 13.61
N LYS A 162 25.83 -9.92 13.88
CA LYS A 162 26.71 -9.04 13.06
C LYS A 162 27.16 -7.81 13.83
N ASN A 163 28.11 -7.13 13.22
CA ASN A 163 28.44 -5.76 13.54
C ASN A 163 27.33 -4.77 13.29
N ILE A 164 27.14 -3.88 14.27
CA ILE A 164 26.13 -2.84 14.17
C ILE A 164 26.77 -1.46 14.29
N TYR A 165 26.03 -0.45 13.88
CA TYR A 165 26.51 0.92 13.86
C TYR A 165 25.43 1.88 14.31
N LEU A 166 25.79 2.85 15.14
CA LEU A 166 24.77 3.72 15.74
C LEU A 166 24.91 5.16 15.24
N ASN A 167 25.46 5.26 14.03
CA ASN A 167 25.59 6.52 13.31
C ASN A 167 24.33 6.82 12.50
N SER A 168 23.20 6.90 13.21
CA SER A 168 21.90 6.88 12.53
C SER A 168 20.85 7.74 13.19
N GLY A 169 19.83 8.10 12.41
CA GLY A 169 18.76 9.00 12.83
C GLY A 169 17.60 8.88 11.87
N LEU A 170 16.42 9.33 12.29
CA LEU A 170 15.25 9.29 11.44
C LEU A 170 14.41 10.56 11.55
N THR A 171 13.69 10.86 10.46
CA THR A 171 12.77 11.97 10.32
C THR A 171 11.47 11.48 9.68
N SER A 172 10.34 11.89 10.25
CA SER A 172 9.01 11.65 9.68
C SER A 172 8.38 12.99 9.32
N THR A 173 7.69 13.03 8.18
CA THR A 173 7.05 14.27 7.73
C THR A 173 5.54 14.23 7.92
N LYS A 174 5.06 13.25 8.65
CA LYS A 174 3.67 13.22 9.02
C LYS A 174 3.54 13.48 10.50
N ASN A 175 2.50 14.22 10.88
CA ASN A 175 2.19 14.49 12.29
C ASN A 175 0.75 14.97 12.49
N TYR A 176 0.09 14.48 13.54
CA TYR A 176 -1.33 14.76 13.76
C TYR A 176 -2.16 14.63 12.49
N GLY A 177 -1.92 13.55 11.75
CA GLY A 177 -2.73 13.19 10.57
C GLY A 177 -2.41 13.87 9.25
N LYS A 178 -1.53 14.86 9.28
CA LYS A 178 -1.18 15.61 8.06
C LYS A 178 0.31 15.81 7.84
N THR A 179 0.66 16.00 6.57
CA THR A 179 1.99 16.43 6.16
C THR A 179 2.35 17.70 6.93
N ILE A 180 3.57 17.72 7.45
CA ILE A 180 4.11 18.90 8.12
C ILE A 180 4.67 19.88 7.08
N LEU A 181 4.80 21.13 7.49
CA LEU A 181 5.37 22.13 6.60
C LEU A 181 6.79 21.73 6.21
N THR A 182 7.17 22.13 4.99
CA THR A 182 8.53 22.04 4.52
C THR A 182 9.53 22.62 5.53
N LYS A 183 9.22 23.81 6.08
CA LYS A 183 10.14 24.45 7.03
C LYS A 183 10.26 23.65 8.33
N GLU A 184 9.24 22.87 8.64
CA GLU A 184 9.26 21.97 9.81
C GLU A 184 10.15 20.76 9.57
N ALA A 185 10.10 20.22 8.36
CA ALA A 185 10.93 19.09 7.98
C ALA A 185 12.40 19.45 8.03
N ASP A 186 12.76 20.66 7.60
CA ASP A 186 14.14 21.13 7.71
C ASP A 186 14.56 21.10 9.16
N LEU A 187 13.63 21.44 10.04
CA LEU A 187 13.88 21.57 11.48
C LEU A 187 14.06 20.21 12.15
N VAL A 188 13.25 19.24 11.76
CA VAL A 188 13.35 17.90 12.34
C VAL A 188 14.71 17.32 12.02
N THR A 189 15.10 17.36 10.73
CA THR A 189 16.35 16.80 10.29
C THR A 189 17.55 17.57 10.88
N THR A 190 17.45 18.90 10.94
CA THR A 190 18.44 19.72 11.66
C THR A 190 18.62 19.23 13.07
N HIS A 191 17.50 19.11 13.80
CA HIS A 191 17.45 18.64 15.22
C HIS A 191 18.00 17.23 15.38
N GLU A 192 17.52 16.28 14.58
CA GLU A 192 18.01 14.89 14.68
C GLU A 192 19.51 14.72 14.34
N LEU A 193 19.94 15.38 13.28
CA LEU A 193 21.36 15.49 12.96
C LEU A 193 22.10 16.23 14.06
N GLY A 194 21.44 17.19 14.71
CA GLY A 194 22.01 17.86 15.90
C GLY A 194 22.37 16.88 17.01
N HIS A 195 21.46 15.97 17.31
CA HIS A 195 21.74 14.87 18.21
C HIS A 195 22.98 14.09 17.70
N ASN A 196 22.92 13.59 16.46
CA ASN A 196 24.08 12.86 15.86
C ASN A 196 25.39 13.57 16.04
N PHE A 197 25.34 14.90 16.01
CA PHE A 197 26.55 15.73 16.07
C PHE A 197 26.99 16.06 17.50
N GLY A 198 26.21 15.61 18.49
CA GLY A 198 26.69 15.66 19.87
C GLY A 198 25.82 16.40 20.86
N ALA A 199 24.75 17.03 20.37
CA ALA A 199 23.91 17.87 21.20
C ALA A 199 22.79 17.11 21.88
N GLU A 200 22.62 17.36 23.17
CA GLU A 200 21.38 17.00 23.85
C GLU A 200 20.38 18.15 23.75
N HIS A 201 19.17 17.89 24.19
CA HIS A 201 18.15 18.91 24.26
C HIS A 201 18.58 20.09 25.11
N ASP A 202 18.24 21.29 24.66
CA ASP A 202 18.39 22.51 25.45
C ASP A 202 17.68 22.46 26.82
N PRO A 203 18.42 22.78 27.86
CA PRO A 203 17.87 23.01 29.20
C PRO A 203 16.77 24.07 29.21
N ASP A 204 15.60 23.72 29.68
CA ASP A 204 14.40 24.42 29.26
C ASP A 204 14.16 25.71 30.05
N GLY A 205 14.83 25.81 31.19
CA GLY A 205 14.74 26.98 32.03
C GLY A 205 15.94 27.89 31.94
N LEU A 206 16.90 27.56 31.10
CA LEU A 206 18.09 28.37 30.94
C LEU A 206 17.91 29.46 29.88
N ALA A 207 17.91 30.70 30.32
CA ALA A 207 17.51 31.84 29.48
C ALA A 207 18.35 31.92 28.21
N GLU A 208 19.67 31.87 28.37
CA GLU A 208 20.58 31.94 27.24
C GLU A 208 20.35 30.87 26.17
N CYS A 209 19.90 29.69 26.57
CA CYS A 209 19.76 28.59 25.62
C CYS A 209 18.29 28.31 25.31
N ALA A 210 17.40 29.08 25.93
CA ALA A 210 15.97 28.95 25.69
C ALA A 210 15.29 30.31 25.81
N PRO A 211 15.61 31.22 24.89
CA PRO A 211 15.15 32.58 24.98
C PRO A 211 13.64 32.72 24.84
N ASN A 212 13.09 33.71 25.55
CA ASN A 212 11.69 34.10 25.45
C ASN A 212 11.36 34.59 24.05
N GLU A 213 10.09 34.51 23.69
CA GLU A 213 9.66 34.90 22.35
C GLU A 213 10.17 36.28 21.88
N ASP A 214 10.13 37.29 22.76
CA ASP A 214 10.65 38.63 22.42
C ASP A 214 12.12 38.64 22.01
N GLN A 215 12.85 37.61 22.42
CA GLN A 215 14.28 37.53 22.24
C GLN A 215 14.64 36.65 21.02
N GLY A 216 13.62 36.25 20.25
CA GLY A 216 13.82 35.42 19.07
C GLY A 216 13.28 33.99 19.19
N GLY A 217 12.78 33.64 20.37
CA GLY A 217 12.25 32.31 20.64
C GLY A 217 13.30 31.25 20.98
N LYS A 218 12.84 30.02 21.01
CA LYS A 218 13.67 28.86 21.31
C LYS A 218 14.61 28.44 20.17
N TYR A 219 15.72 27.81 20.54
CA TYR A 219 16.64 27.17 19.59
C TYR A 219 16.21 25.76 19.20
N VAL A 220 16.79 25.25 18.11
CA VAL A 220 16.34 24.04 17.46
C VAL A 220 16.42 22.76 18.30
N MET A 221 17.28 22.74 19.31
CA MET A 221 17.37 21.60 20.21
C MET A 221 16.45 21.71 21.45
N TYR A 222 15.53 22.68 21.43
CA TYR A 222 14.49 22.71 22.45
C TYR A 222 13.72 21.39 22.48
N PRO A 223 13.55 20.80 23.68
CA PRO A 223 12.89 19.52 23.93
C PRO A 223 11.44 19.42 23.42
N ILE A 224 10.73 20.52 23.28
CA ILE A 224 9.40 20.52 22.64
C ILE A 224 9.49 21.19 21.26
N ALA A 225 8.99 20.50 20.24
CA ALA A 225 9.16 20.91 18.83
C ALA A 225 8.93 22.40 18.57
N VAL A 226 9.94 23.13 18.10
CA VAL A 226 9.70 24.53 17.70
C VAL A 226 8.99 24.59 16.35
N SER A 227 8.26 25.69 16.11
CA SER A 227 7.37 25.79 14.95
C SER A 227 8.10 26.20 13.70
N GLY A 228 9.22 26.90 13.86
CA GLY A 228 9.90 27.54 12.74
C GLY A 228 9.46 28.97 12.49
N ASP A 229 8.54 29.50 13.30
CA ASP A 229 8.05 30.88 13.08
C ASP A 229 9.01 31.93 13.60
N HIS A 230 9.82 31.54 14.59
CA HIS A 230 10.71 32.47 15.28
C HIS A 230 12.14 32.30 14.83
N GLU A 231 12.87 33.41 14.87
CA GLU A 231 14.19 33.50 14.27
C GLU A 231 15.16 32.48 14.84
N ASN A 232 15.14 32.26 16.16
CA ASN A 232 16.10 31.35 16.78
C ASN A 232 15.85 29.88 16.43
N ASN A 233 14.62 29.57 15.99
CA ASN A 233 14.15 28.18 15.84
C ASN A 233 15.04 27.31 14.97
N LYS A 234 15.70 27.91 13.99
CA LYS A 234 16.53 27.14 13.07
C LYS A 234 18.02 27.23 13.43
N MET A 235 18.35 27.99 14.48
CA MET A 235 19.72 28.10 14.96
C MET A 235 20.03 27.14 16.14
N PHE A 236 21.32 26.90 16.35
CA PHE A 236 21.82 26.18 17.50
C PHE A 236 22.15 27.13 18.68
N SER A 237 21.67 26.80 19.89
CA SER A 237 22.06 27.55 21.13
C SER A 237 23.54 27.40 21.44
N GLN A 238 24.06 28.25 22.35
CA GLN A 238 25.41 28.03 22.89
C GLN A 238 25.56 26.67 23.54
N CYS A 239 24.50 26.21 24.20
CA CYS A 239 24.53 24.88 24.79
C CYS A 239 24.88 23.81 23.72
N SER A 240 24.19 23.87 22.57
CA SER A 240 24.33 22.88 21.51
C SER A 240 25.68 23.07 20.83
N LYS A 241 26.06 24.35 20.62
CA LYS A 241 27.33 24.70 20.02
C LYS A 241 28.52 24.13 20.75
N GLN A 242 28.50 24.25 22.07
CA GLN A 242 29.55 23.72 22.91
C GLN A 242 29.67 22.19 22.81
N SER A 243 28.54 21.48 22.84
CA SER A 243 28.54 20.03 22.76
C SER A 243 29.05 19.55 21.38
N ILE A 244 28.44 20.09 20.32
CA ILE A 244 28.80 19.78 18.95
C ILE A 244 30.27 20.16 18.61
N TYR A 245 30.70 21.34 19.07
CA TYR A 245 32.09 21.79 18.88
C TYR A 245 33.09 20.71 19.29
N LYS A 246 32.93 20.19 20.51
CA LYS A 246 33.81 19.18 21.08
C LYS A 246 33.81 17.93 20.25
N THR A 247 32.62 17.53 19.80
CA THR A 247 32.44 16.31 19.05
C THR A 247 33.08 16.44 17.66
N ILE A 248 32.87 17.59 17.00
CA ILE A 248 33.48 17.82 15.71
C ILE A 248 34.99 17.80 15.85
N GLU A 249 35.51 18.52 16.86
CA GLU A 249 36.96 18.64 17.10
C GLU A 249 37.60 17.28 17.11
N SER A 250 36.96 16.38 17.81
CA SER A 250 37.45 15.04 17.93
C SER A 250 37.12 14.22 16.68
N LYS A 251 35.89 14.33 16.17
CA LYS A 251 35.43 13.33 15.20
C LYS A 251 35.62 13.66 13.70
N ALA A 252 35.94 14.92 13.38
CA ALA A 252 36.12 15.33 11.97
C ALA A 252 37.29 14.58 11.30
N GLN A 253 38.39 14.47 12.03
CA GLN A 253 39.59 13.77 11.62
C GLN A 253 39.26 12.33 11.29
N GLU A 254 38.28 11.77 12.01
CA GLU A 254 37.93 10.36 11.94
C GLU A 254 37.10 9.97 10.71
N CYS A 255 36.15 10.82 10.34
CA CYS A 255 35.25 10.43 9.25
C CYS A 255 34.72 11.60 8.41
N PHE A 256 35.16 12.83 8.66
CA PHE A 256 34.72 13.96 7.81
C PHE A 256 35.55 13.96 6.54
N GLN A 257 34.95 14.42 5.43
CA GLN A 257 35.62 14.46 4.15
C GLN A 257 35.59 15.87 3.62
N GLU A 258 36.15 16.06 2.42
CA GLU A 258 36.20 17.36 1.78
C GLU A 258 34.86 17.65 1.15
N ARG A 259 34.39 18.89 1.30
CA ARG A 259 33.18 19.36 0.63
C ARG A 259 33.35 19.20 -0.89
N SER A 260 32.41 18.52 -1.52
CA SER A 260 32.38 18.41 -2.99
C SER A 260 31.59 19.57 -3.57
N ASN A 261 31.93 19.91 -4.82
CA ASN A 261 31.16 20.87 -5.62
C ASN A 261 29.74 20.37 -5.90
N PRO B 4 -20.85 -1.52 9.87
CA PRO B 4 -21.15 -2.84 9.33
C PRO B 4 -22.56 -3.28 9.75
N ASP B 5 -23.53 -2.96 8.87
CA ASP B 5 -24.94 -3.21 9.15
C ASP B 5 -25.34 -4.62 8.69
N PRO B 6 -25.69 -5.51 9.65
CA PRO B 6 -26.41 -6.71 9.22
C PRO B 6 -27.65 -6.22 8.50
N MET B 7 -28.56 -7.09 8.09
CA MET B 7 -29.74 -6.63 7.35
C MET B 7 -29.41 -5.99 5.99
N LYS B 8 -28.20 -5.46 5.85
CA LYS B 8 -27.68 -4.97 4.58
C LYS B 8 -26.23 -5.43 4.43
N ASN B 9 -26.01 -6.74 4.52
CA ASN B 9 -24.66 -7.31 4.37
C ASN B 9 -24.47 -8.42 3.32
N THR B 10 -25.54 -8.71 2.58
CA THR B 10 -25.51 -9.80 1.60
C THR B 10 -26.04 -9.39 0.22
N CYS B 11 -25.14 -9.44 -0.76
CA CYS B 11 -25.49 -9.32 -2.15
C CYS B 11 -26.17 -10.62 -2.57
N LYS B 12 -27.51 -10.60 -2.70
CA LYS B 12 -28.23 -11.76 -3.24
C LYS B 12 -27.97 -11.83 -4.73
N LEU B 13 -27.84 -13.04 -5.25
CA LEU B 13 -27.46 -13.24 -6.64
C LEU B 13 -28.54 -13.94 -7.41
N LEU B 14 -28.75 -13.52 -8.64
CA LEU B 14 -29.40 -14.39 -9.63
C LEU B 14 -28.33 -15.20 -10.37
N VAL B 15 -28.49 -16.53 -10.32
CA VAL B 15 -27.52 -17.45 -10.91
C VAL B 15 -28.09 -18.13 -12.13
N VAL B 16 -27.44 -17.96 -13.27
CA VAL B 16 -27.94 -18.56 -14.52
C VAL B 16 -26.94 -19.56 -15.09
N ALA B 17 -27.39 -20.79 -15.30
CA ALA B 17 -26.61 -21.77 -16.04
C ALA B 17 -27.24 -21.96 -17.43
N ASP B 18 -26.46 -21.70 -18.47
CA ASP B 18 -26.93 -21.87 -19.84
C ASP B 18 -26.90 -23.33 -20.25
N HIS B 19 -27.40 -23.64 -21.45
CA HIS B 19 -27.59 -25.04 -21.87
C HIS B 19 -26.27 -25.81 -21.92
N ARG B 20 -25.19 -25.12 -22.26
CA ARG B 20 -23.84 -25.69 -22.26
C ARG B 20 -23.41 -26.16 -20.86
N PHE B 21 -23.49 -25.27 -19.86
CA PHE B 21 -23.14 -25.63 -18.48
C PHE B 21 -24.01 -26.82 -17.95
N TYR B 22 -25.32 -26.73 -18.15
CA TYR B 22 -26.25 -27.85 -17.89
C TYR B 22 -25.75 -29.14 -18.54
N ARG B 23 -25.43 -29.06 -19.83
CA ARG B 23 -24.96 -30.23 -20.55
C ARG B 23 -23.63 -30.73 -19.99
N TYR B 24 -22.59 -29.92 -20.11
CA TYR B 24 -21.24 -30.41 -19.83
C TYR B 24 -20.85 -30.53 -18.36
N MET B 25 -21.34 -29.63 -17.52
CA MET B 25 -21.01 -29.63 -16.09
C MET B 25 -22.09 -30.31 -15.23
N GLY B 26 -23.35 -30.07 -15.59
CA GLY B 26 -24.49 -30.70 -14.90
C GLY B 26 -24.80 -32.12 -15.35
N ARG B 27 -24.13 -32.58 -16.41
CA ARG B 27 -24.35 -33.92 -16.98
C ARG B 27 -25.81 -34.14 -17.40
N GLY B 28 -26.38 -33.15 -18.09
CA GLY B 28 -27.78 -33.19 -18.52
C GLY B 28 -28.78 -33.34 -17.39
N GLU B 29 -28.42 -32.89 -16.19
CA GLU B 29 -29.27 -33.07 -15.01
C GLU B 29 -29.40 -31.76 -14.25
N GLU B 30 -30.56 -31.56 -13.65
CA GLU B 30 -30.89 -30.31 -12.98
C GLU B 30 -30.38 -30.29 -11.54
N SER B 31 -30.43 -31.45 -10.87
CA SER B 31 -29.91 -31.57 -9.51
C SER B 31 -28.38 -31.36 -9.49
N THR B 32 -27.69 -32.02 -10.41
CA THR B 32 -26.24 -31.95 -10.53
C THR B 32 -25.81 -30.50 -10.84
N THR B 33 -26.52 -29.86 -11.76
CA THR B 33 -26.24 -28.47 -12.09
C THR B 33 -26.43 -27.56 -10.87
N THR B 34 -27.56 -27.71 -10.21
CA THR B 34 -27.92 -26.90 -9.05
C THR B 34 -26.93 -27.07 -7.90
N ASN B 35 -26.63 -28.32 -7.56
CA ASN B 35 -25.70 -28.66 -6.50
C ASN B 35 -24.27 -28.18 -6.76
N TYR B 36 -23.81 -28.23 -8.00
CA TYR B 36 -22.50 -27.70 -8.33
C TYR B 36 -22.45 -26.22 -8.00
N LEU B 37 -23.49 -25.50 -8.37
CA LEU B 37 -23.49 -24.06 -8.28
C LEU B 37 -23.78 -23.61 -6.88
N ILE B 38 -24.71 -24.29 -6.22
CA ILE B 38 -24.96 -23.99 -4.81
C ILE B 38 -23.67 -24.11 -4.00
N GLU B 39 -22.93 -25.17 -4.26
CA GLU B 39 -21.67 -25.42 -3.56
C GLU B 39 -20.60 -24.40 -3.90
N LEU B 40 -20.48 -24.04 -5.17
CA LEU B 40 -19.42 -23.13 -5.60
C LEU B 40 -19.60 -21.76 -4.98
N ILE B 41 -20.83 -21.26 -5.00
CA ILE B 41 -21.12 -19.93 -4.45
C ILE B 41 -20.82 -19.90 -2.96
N ASP B 42 -21.17 -20.97 -2.26
CA ASP B 42 -20.93 -21.14 -0.84
C ASP B 42 -19.44 -21.04 -0.53
N ARG B 43 -18.62 -21.76 -1.30
CA ARG B 43 -17.17 -21.74 -1.06
C ARG B 43 -16.59 -20.34 -1.31
N VAL B 44 -17.13 -19.66 -2.33
CA VAL B 44 -16.77 -18.30 -2.63
C VAL B 44 -17.30 -17.34 -1.54
N ASP B 45 -18.50 -17.61 -1.03
CA ASP B 45 -19.05 -16.86 0.07
C ASP B 45 -18.12 -16.95 1.30
N ASP B 46 -17.52 -18.13 1.53
CA ASP B 46 -16.61 -18.31 2.67
C ASP B 46 -15.45 -17.32 2.55
N ILE B 47 -14.98 -17.10 1.32
CA ILE B 47 -13.89 -16.15 1.10
C ILE B 47 -14.32 -14.70 1.37
N TYR B 48 -15.52 -14.32 0.89
CA TYR B 48 -15.99 -12.95 1.02
C TYR B 48 -16.24 -12.68 2.50
N ARG B 49 -17.09 -13.52 3.09
CA ARG B 49 -17.62 -13.32 4.43
C ARG B 49 -16.53 -13.18 5.49
N ASN B 50 -15.39 -13.85 5.27
CA ASN B 50 -14.30 -13.81 6.24
C ASN B 50 -13.16 -12.85 5.86
N THR B 51 -13.41 -12.00 4.87
CA THR B 51 -12.47 -10.94 4.54
C THR B 51 -12.79 -9.71 5.38
N ALA B 52 -11.77 -9.16 6.03
CA ALA B 52 -11.90 -7.89 6.74
C ALA B 52 -11.48 -6.81 5.80
N TRP B 53 -12.44 -6.09 5.24
CA TRP B 53 -12.17 -5.08 4.22
C TRP B 53 -11.43 -3.82 4.72
N ASP B 54 -11.64 -3.47 5.98
CA ASP B 54 -10.90 -2.36 6.63
C ASP B 54 -9.81 -2.89 7.55
N ASN B 55 -9.37 -4.12 7.30
CA ASN B 55 -8.41 -4.81 8.16
C ASN B 55 -8.79 -4.82 9.65
N ALA B 56 -10.06 -4.53 9.92
CA ALA B 56 -10.55 -4.47 11.29
C ALA B 56 -11.82 -5.30 11.45
N GLY B 57 -12.95 -4.62 11.65
CA GLY B 57 -14.23 -5.31 11.91
C GLY B 57 -15.29 -5.13 10.84
N PHE B 58 -14.90 -4.55 9.71
CA PHE B 58 -15.76 -4.45 8.54
C PHE B 58 -15.68 -5.76 7.77
N LYS B 59 -16.49 -6.72 8.21
CA LYS B 59 -16.50 -8.06 7.65
C LYS B 59 -17.88 -8.66 7.85
N GLY B 60 -18.14 -9.80 7.22
CA GLY B 60 -19.44 -10.43 7.32
C GLY B 60 -20.27 -10.18 6.08
N TYR B 61 -19.67 -9.48 5.12
CA TYR B 61 -20.27 -9.27 3.80
C TYR B 61 -19.96 -10.42 2.86
N GLY B 62 -21.01 -10.94 2.25
CA GLY B 62 -20.90 -12.06 1.36
C GLY B 62 -22.01 -12.07 0.33
N ILE B 63 -22.36 -13.27 -0.10
CA ILE B 63 -23.20 -13.52 -1.26
C ILE B 63 -24.01 -14.77 -0.98
N GLN B 64 -25.29 -14.71 -1.37
CA GLN B 64 -26.18 -15.86 -1.34
C GLN B 64 -27.02 -15.89 -2.60
N ILE B 65 -27.49 -17.07 -2.94
CA ILE B 65 -28.27 -17.28 -4.14
C ILE B 65 -29.73 -16.89 -3.85
N GLU B 66 -30.19 -15.83 -4.52
CA GLU B 66 -31.60 -15.47 -4.49
C GLU B 66 -32.39 -16.49 -5.28
N GLN B 67 -32.02 -16.68 -6.54
CA GLN B 67 -32.65 -17.62 -7.44
C GLN B 67 -31.66 -18.23 -8.42
N ILE B 68 -31.93 -19.49 -8.80
CA ILE B 68 -31.16 -20.18 -9.82
C ILE B 68 -32.02 -20.49 -11.04
N ARG B 69 -31.54 -20.08 -12.21
CA ARG B 69 -32.16 -20.45 -13.48
C ARG B 69 -31.30 -21.46 -14.22
N ILE B 70 -31.91 -22.59 -14.58
CA ILE B 70 -31.24 -23.63 -15.35
C ILE B 70 -31.85 -23.71 -16.73
N LEU B 71 -31.10 -23.29 -17.74
CA LEU B 71 -31.55 -23.38 -19.12
C LEU B 71 -31.18 -24.74 -19.71
N LYS B 72 -32.19 -25.62 -19.79
CA LYS B 72 -31.96 -27.03 -20.14
C LYS B 72 -31.61 -27.26 -21.61
N SER B 73 -31.84 -26.25 -22.45
CA SER B 73 -31.52 -26.37 -23.88
C SER B 73 -31.40 -25.00 -24.58
N PRO B 74 -30.78 -24.97 -25.79
CA PRO B 74 -30.59 -23.72 -26.53
C PRO B 74 -31.89 -22.98 -26.79
N GLN B 75 -31.87 -21.66 -26.59
CA GLN B 75 -32.97 -20.78 -26.97
C GLN B 75 -33.07 -20.74 -28.49
N GLU B 76 -34.25 -21.13 -28.98
CA GLU B 76 -34.62 -20.95 -30.38
C GLU B 76 -34.62 -19.48 -30.73
N VAL B 77 -33.76 -19.13 -31.68
CA VAL B 77 -33.72 -17.79 -32.23
C VAL B 77 -34.42 -17.78 -33.60
N LYS B 78 -34.73 -16.58 -34.07
CA LYS B 78 -35.25 -16.39 -35.43
C LYS B 78 -34.13 -15.74 -36.22
N PRO B 79 -34.17 -15.82 -37.57
CA PRO B 79 -33.02 -15.28 -38.32
C PRO B 79 -32.69 -13.83 -37.95
N GLY B 80 -31.40 -13.52 -37.91
CA GLY B 80 -30.93 -12.17 -37.56
C GLY B 80 -30.97 -11.80 -36.08
N GLU B 81 -31.56 -12.66 -35.25
CA GLU B 81 -31.65 -12.36 -33.82
C GLU B 81 -30.80 -13.29 -32.95
N LYS B 82 -30.12 -12.69 -31.97
CA LYS B 82 -29.25 -13.44 -31.04
C LYS B 82 -29.73 -13.38 -29.58
N HIS B 83 -29.21 -14.31 -28.77
CA HIS B 83 -29.55 -14.45 -27.36
C HIS B 83 -28.43 -15.23 -26.68
N TYR B 84 -28.06 -14.82 -25.45
CA TYR B 84 -26.90 -15.41 -24.76
C TYR B 84 -26.93 -16.93 -24.69
N ASN B 85 -28.12 -17.51 -24.56
CA ASN B 85 -28.32 -18.97 -24.44
C ASN B 85 -28.60 -19.67 -25.78
N MET B 86 -28.39 -18.96 -26.90
CA MET B 86 -28.55 -19.58 -28.23
C MET B 86 -27.49 -20.65 -28.46
N ALA B 87 -27.76 -21.57 -29.38
CA ALA B 87 -26.86 -22.70 -29.67
C ALA B 87 -25.53 -22.27 -30.27
N LYS B 88 -25.56 -21.21 -31.08
CA LYS B 88 -24.40 -20.75 -31.83
C LYS B 88 -23.52 -19.85 -30.98
N SER B 89 -22.22 -19.87 -31.24
CA SER B 89 -21.33 -18.81 -30.78
C SER B 89 -21.57 -17.54 -31.61
N TYR B 90 -21.36 -16.38 -31.00
CA TYR B 90 -21.43 -15.11 -31.72
C TYR B 90 -20.19 -14.26 -31.43
N PRO B 91 -19.60 -13.62 -32.46
CA PRO B 91 -20.12 -13.49 -33.84
C PRO B 91 -19.79 -14.68 -34.74
N ASN B 92 -18.66 -15.31 -34.47
CA ASN B 92 -18.15 -16.37 -35.32
C ASN B 92 -18.65 -17.74 -34.85
N GLU B 93 -19.58 -18.31 -35.61
CA GLU B 93 -20.20 -19.60 -35.23
C GLU B 93 -19.25 -20.81 -35.26
N GLU B 94 -18.18 -20.71 -36.05
CA GLU B 94 -17.20 -21.79 -36.24
C GLU B 94 -16.41 -22.15 -34.97
N LYS B 95 -16.05 -21.12 -34.19
CA LYS B 95 -15.28 -21.29 -32.97
C LYS B 95 -16.16 -21.92 -31.88
N ASP B 96 -15.54 -22.29 -30.77
CA ASP B 96 -16.26 -22.86 -29.63
C ASP B 96 -17.09 -21.81 -28.87
N ALA B 97 -16.58 -20.59 -28.82
CA ALA B 97 -17.09 -19.61 -27.88
C ALA B 97 -17.41 -18.24 -28.47
N TRP B 98 -18.25 -17.50 -27.76
CA TRP B 98 -18.55 -16.11 -28.06
C TRP B 98 -17.33 -15.25 -27.76
N ASP B 99 -17.29 -14.07 -28.38
CA ASP B 99 -16.46 -13.00 -27.89
C ASP B 99 -16.93 -12.70 -26.46
N VAL B 100 -16.04 -12.86 -25.48
CA VAL B 100 -16.43 -12.71 -24.06
C VAL B 100 -17.20 -11.41 -23.79
N LYS B 101 -16.68 -10.29 -24.32
CA LYS B 101 -17.32 -8.97 -24.17
C LYS B 101 -18.77 -8.96 -24.67
N MET B 102 -19.00 -9.54 -25.84
CA MET B 102 -20.33 -9.53 -26.44
C MET B 102 -21.33 -10.38 -25.68
N LEU B 103 -20.84 -11.52 -25.16
CA LEU B 103 -21.70 -12.45 -24.44
C LEU B 103 -22.22 -11.80 -23.18
N LEU B 104 -21.35 -11.05 -22.49
CA LEU B 104 -21.74 -10.37 -21.27
C LEU B 104 -22.78 -9.28 -21.52
N GLU B 105 -22.59 -8.54 -22.61
CA GLU B 105 -23.57 -7.54 -23.07
C GLU B 105 -24.87 -8.24 -23.43
N GLN B 106 -24.78 -9.30 -24.21
CA GLN B 106 -25.99 -10.02 -24.60
C GLN B 106 -26.74 -10.54 -23.39
N PHE B 107 -26.00 -11.08 -22.42
CA PHE B 107 -26.57 -11.59 -21.17
C PHE B 107 -27.30 -10.50 -20.40
N SER B 108 -26.64 -9.37 -20.21
CA SER B 108 -27.20 -8.22 -19.50
C SER B 108 -28.44 -7.63 -20.18
N PHE B 109 -28.45 -7.68 -21.51
CA PHE B 109 -29.63 -7.31 -22.31
C PHE B 109 -30.78 -8.29 -22.11
N ASP B 110 -30.51 -9.57 -22.33
CA ASP B 110 -31.52 -10.61 -22.19
C ASP B 110 -32.06 -10.82 -20.77
N ILE B 111 -31.27 -10.47 -19.75
CA ILE B 111 -31.61 -10.77 -18.36
C ILE B 111 -32.08 -9.55 -17.56
N ALA B 112 -32.26 -8.43 -18.26
CA ALA B 112 -32.49 -7.10 -17.66
C ALA B 112 -33.67 -7.03 -16.69
N GLU B 113 -34.80 -7.57 -17.11
CA GLU B 113 -36.02 -7.62 -16.31
C GLU B 113 -35.74 -8.22 -14.94
N GLU B 114 -34.94 -9.29 -14.94
CA GLU B 114 -34.60 -10.03 -13.73
C GLU B 114 -33.47 -9.40 -12.92
N ALA B 115 -32.52 -8.76 -13.60
CA ALA B 115 -31.33 -8.21 -12.96
C ALA B 115 -31.62 -6.94 -12.16
N SER B 116 -32.80 -6.37 -12.39
CA SER B 116 -33.28 -5.23 -11.60
C SER B 116 -33.69 -5.66 -10.20
N LYS B 117 -34.05 -6.93 -10.06
CA LYS B 117 -34.56 -7.49 -8.81
C LYS B 117 -33.44 -7.95 -7.87
N VAL B 118 -32.20 -7.95 -8.35
CA VAL B 118 -31.06 -8.55 -7.62
C VAL B 118 -29.80 -7.69 -7.58
N CYS B 119 -29.09 -7.78 -6.46
CA CYS B 119 -27.79 -7.14 -6.32
C CYS B 119 -26.87 -7.50 -7.50
N LEU B 120 -26.81 -8.78 -7.85
CA LEU B 120 -26.03 -9.19 -9.03
C LEU B 120 -26.63 -10.34 -9.79
N ALA B 121 -26.40 -10.33 -11.10
CA ALA B 121 -26.70 -11.47 -11.96
C ALA B 121 -25.39 -12.04 -12.46
N HIS B 122 -25.25 -13.36 -12.41
CA HIS B 122 -24.04 -14.00 -12.90
C HIS B 122 -24.40 -15.19 -13.79
N LEU B 123 -23.67 -15.29 -14.90
CA LEU B 123 -23.82 -16.34 -15.88
C LEU B 123 -22.72 -17.37 -15.74
N PHE B 124 -23.13 -18.62 -15.63
CA PHE B 124 -22.23 -19.75 -15.71
C PHE B 124 -22.42 -20.46 -17.03
N THR B 125 -21.31 -20.61 -17.74
CA THR B 125 -21.31 -21.19 -19.06
C THR B 125 -20.18 -22.18 -19.15
N TYR B 126 -20.12 -22.84 -20.29
CA TYR B 126 -19.11 -23.81 -20.56
C TYR B 126 -18.75 -23.67 -22.01
N GLN B 127 -17.77 -22.82 -22.27
CA GLN B 127 -17.28 -22.54 -23.61
C GLN B 127 -15.86 -22.00 -23.48
N ASP B 128 -15.04 -22.28 -24.49
CA ASP B 128 -13.62 -22.00 -24.41
C ASP B 128 -13.24 -20.67 -25.08
N PHE B 129 -13.35 -19.57 -24.33
CA PHE B 129 -12.90 -18.27 -24.81
C PHE B 129 -11.43 -18.29 -25.16
N ASP B 130 -11.09 -17.51 -26.20
CA ASP B 130 -9.74 -17.40 -26.73
C ASP B 130 -8.72 -16.75 -25.78
N MET B 131 -7.49 -17.28 -25.82
CA MET B 131 -6.33 -16.77 -25.08
C MET B 131 -6.43 -17.05 -23.59
N GLY B 132 -7.14 -18.11 -23.23
CA GLY B 132 -7.22 -18.57 -21.84
C GLY B 132 -8.11 -17.74 -20.97
N THR B 133 -9.05 -17.03 -21.60
CA THR B 133 -10.04 -16.22 -20.92
C THR B 133 -11.05 -17.12 -20.22
N LEU B 134 -11.40 -16.77 -18.99
CA LEU B 134 -12.30 -17.59 -18.18
C LEU B 134 -13.55 -16.84 -17.71
N GLY B 135 -13.47 -15.51 -17.66
CA GLY B 135 -14.64 -14.72 -17.26
C GLY B 135 -14.51 -13.22 -17.48
N LEU B 136 -15.59 -12.53 -17.17
CA LEU B 136 -15.69 -11.09 -17.38
C LEU B 136 -16.81 -10.53 -16.51
N ALA B 137 -16.57 -9.36 -15.95
CA ALA B 137 -17.55 -8.74 -15.08
C ALA B 137 -17.39 -7.24 -15.13
N TYR B 138 -18.48 -6.53 -14.86
CA TYR B 138 -18.47 -5.08 -14.81
C TYR B 138 -17.95 -4.58 -13.49
N VAL B 139 -16.95 -3.71 -13.58
CA VAL B 139 -16.26 -3.19 -12.42
C VAL B 139 -17.19 -2.26 -11.65
N GLY B 140 -17.37 -2.57 -10.36
CA GLY B 140 -18.22 -1.81 -9.45
C GLY B 140 -17.57 -0.51 -9.00
N SER B 141 -18.33 0.31 -8.29
CA SER B 141 -17.89 1.65 -7.89
C SER B 141 -18.72 2.21 -6.72
N PRO B 142 -18.09 3.04 -5.87
CA PRO B 142 -18.81 3.71 -4.79
C PRO B 142 -19.80 4.79 -5.29
N ARG B 143 -19.57 5.26 -6.52
CA ARG B 143 -20.43 6.23 -7.18
C ARG B 143 -21.79 5.63 -7.52
N ALA B 144 -22.85 6.24 -7.00
CA ALA B 144 -24.21 5.78 -7.29
C ALA B 144 -24.71 6.35 -8.63
N ASN B 145 -23.81 6.36 -9.61
CA ASN B 145 -24.12 6.76 -11.00
C ASN B 145 -23.16 6.14 -11.99
N SER B 146 -22.32 5.24 -11.52
CA SER B 146 -21.47 4.45 -12.40
C SER B 146 -22.24 3.22 -12.85
N HIS B 147 -21.93 2.76 -14.06
CA HIS B 147 -22.59 1.57 -14.56
C HIS B 147 -21.67 0.37 -14.69
N GLY B 148 -21.85 -0.55 -13.73
CA GLY B 148 -21.02 -1.71 -13.54
C GLY B 148 -21.07 -2.12 -12.08
N GLY B 149 -21.13 -3.43 -11.87
CA GLY B 149 -20.92 -3.99 -10.54
C GLY B 149 -22.18 -4.06 -9.70
N VAL B 150 -21.99 -4.23 -8.40
CA VAL B 150 -23.09 -4.42 -7.45
C VAL B 150 -24.18 -3.37 -7.62
N CYS B 151 -25.42 -3.79 -7.36
CA CYS B 151 -26.59 -2.90 -7.33
C CYS B 151 -27.12 -2.48 -8.70
N PRO B 152 -28.37 -2.87 -9.00
CA PRO B 152 -28.96 -2.56 -10.31
C PRO B 152 -29.24 -1.06 -10.46
N LYS B 153 -28.71 -0.48 -11.54
CA LYS B 153 -28.93 0.91 -11.90
C LYS B 153 -29.20 0.95 -13.39
N ALA B 154 -30.44 1.32 -13.75
CA ALA B 154 -30.93 1.20 -15.14
C ALA B 154 -30.18 2.08 -16.12
N TYR B 155 -29.89 1.51 -17.29
CA TYR B 155 -29.05 2.16 -18.28
C TYR B 155 -29.57 1.97 -19.71
N TYR B 156 -30.21 3.01 -20.24
CA TYR B 156 -30.62 3.11 -21.64
C TYR B 156 -29.34 3.38 -22.44
N SER B 157 -29.02 2.54 -23.43
CA SER B 157 -29.77 1.33 -23.76
C SER B 157 -29.89 1.03 -25.26
N PRO B 158 -30.11 2.06 -26.07
CA PRO B 158 -29.86 1.97 -27.51
C PRO B 158 -28.85 0.88 -27.85
N VAL B 159 -29.36 -0.29 -28.25
CA VAL B 159 -29.39 -0.68 -29.65
C VAL B 159 -30.82 -0.64 -30.17
N GLY B 160 -31.66 -1.48 -29.60
CA GLY B 160 -33.09 -1.20 -29.60
C GLY B 160 -33.57 -0.73 -28.26
N LYS B 161 -34.88 -0.65 -28.12
CA LYS B 161 -35.48 -0.15 -26.89
C LYS B 161 -35.13 -1.06 -25.73
N LYS B 162 -35.58 -0.66 -24.56
CA LYS B 162 -35.44 -1.42 -23.30
C LYS B 162 -34.37 -0.80 -22.39
N ASN B 163 -34.57 -0.89 -21.07
CA ASN B 163 -33.54 -0.54 -20.09
C ASN B 163 -32.71 -1.74 -19.64
N ILE B 164 -31.38 -1.61 -19.72
CA ILE B 164 -30.47 -2.69 -19.32
C ILE B 164 -29.63 -2.34 -18.08
N TYR B 165 -29.25 -3.36 -17.32
CA TYR B 165 -28.49 -3.18 -16.08
C TYR B 165 -27.13 -3.85 -16.19
N LEU B 166 -26.10 -3.21 -15.66
CA LEU B 166 -24.73 -3.73 -15.80
C LEU B 166 -24.23 -4.38 -14.51
N ASN B 167 -25.16 -4.75 -13.64
CA ASN B 167 -24.82 -5.48 -12.41
C ASN B 167 -24.57 -6.96 -12.70
N SER B 168 -23.57 -7.26 -13.52
CA SER B 168 -23.45 -8.60 -14.10
C SER B 168 -22.02 -9.03 -14.38
N GLY B 169 -21.87 -10.35 -14.57
CA GLY B 169 -20.58 -10.99 -14.81
C GLY B 169 -20.78 -12.43 -15.26
N LEU B 170 -19.71 -13.05 -15.73
CA LEU B 170 -19.79 -14.41 -16.19
C LEU B 170 -18.54 -15.25 -15.93
N THR B 171 -18.74 -16.57 -15.88
CA THR B 171 -17.70 -17.55 -15.62
C THR B 171 -17.88 -18.72 -16.59
N SER B 172 -16.79 -19.08 -17.24
CA SER B 172 -16.73 -20.33 -17.99
C SER B 172 -15.87 -21.31 -17.21
N THR B 173 -16.29 -22.56 -17.18
CA THR B 173 -15.47 -23.61 -16.59
C THR B 173 -14.84 -24.49 -17.66
N LYS B 174 -14.70 -23.94 -18.86
CA LYS B 174 -13.92 -24.59 -19.91
C LYS B 174 -12.73 -23.73 -20.28
N ASN B 175 -11.58 -24.37 -20.43
CA ASN B 175 -10.38 -23.69 -20.87
C ASN B 175 -9.43 -24.69 -21.55
N TYR B 176 -8.86 -24.30 -22.69
CA TYR B 176 -7.92 -25.16 -23.45
C TYR B 176 -8.44 -26.61 -23.62
N GLY B 177 -9.71 -26.73 -24.03
CA GLY B 177 -10.35 -28.02 -24.36
C GLY B 177 -10.83 -28.90 -23.22
N LYS B 178 -10.73 -28.40 -21.99
CA LYS B 178 -11.02 -29.21 -20.80
C LYS B 178 -11.83 -28.44 -19.76
N THR B 179 -12.51 -29.19 -18.91
CA THR B 179 -13.13 -28.67 -17.69
C THR B 179 -12.02 -28.22 -16.75
N ILE B 180 -12.10 -26.98 -16.27
CA ILE B 180 -11.11 -26.49 -15.32
C ILE B 180 -11.28 -27.17 -13.95
N LEU B 181 -10.24 -27.17 -13.11
CA LEU B 181 -10.35 -27.73 -11.75
C LEU B 181 -11.46 -27.03 -10.97
N THR B 182 -12.15 -27.76 -10.11
CA THR B 182 -13.07 -27.13 -9.14
C THR B 182 -12.46 -25.89 -8.44
N LYS B 183 -11.22 -26.04 -7.93
CA LYS B 183 -10.59 -24.98 -7.14
C LYS B 183 -10.33 -23.75 -8.03
N GLU B 184 -10.05 -24.00 -9.31
CA GLU B 184 -9.90 -22.95 -10.31
C GLU B 184 -11.22 -22.23 -10.56
N ALA B 185 -12.29 -22.98 -10.74
CA ALA B 185 -13.61 -22.42 -10.96
C ALA B 185 -14.06 -21.46 -9.85
N ASP B 186 -13.83 -21.86 -8.59
CA ASP B 186 -14.02 -20.96 -7.41
C ASP B 186 -13.23 -19.65 -7.53
N LEU B 187 -12.00 -19.74 -8.00
CA LEU B 187 -11.17 -18.55 -8.16
C LEU B 187 -11.74 -17.61 -9.22
N VAL B 188 -12.19 -18.17 -10.35
CA VAL B 188 -12.70 -17.36 -11.47
C VAL B 188 -13.92 -16.55 -11.00
N THR B 189 -14.86 -17.23 -10.35
CA THR B 189 -16.03 -16.57 -9.86
C THR B 189 -15.69 -15.55 -8.77
N THR B 190 -14.73 -15.85 -7.89
CA THR B 190 -14.31 -14.90 -6.84
C THR B 190 -13.77 -13.60 -7.45
N HIS B 191 -12.94 -13.78 -8.45
CA HIS B 191 -12.35 -12.74 -9.25
C HIS B 191 -13.41 -11.89 -9.95
N GLU B 192 -14.32 -12.54 -10.68
CA GLU B 192 -15.33 -11.83 -11.45
C GLU B 192 -16.29 -11.06 -10.53
N LEU B 193 -16.79 -11.72 -9.50
CA LEU B 193 -17.54 -11.04 -8.45
C LEU B 193 -16.67 -9.97 -7.85
N GLY B 194 -15.36 -10.25 -7.75
CA GLY B 194 -14.38 -9.26 -7.31
C GLY B 194 -14.44 -7.96 -8.11
N HIS B 195 -14.46 -8.05 -9.44
CA HIS B 195 -14.66 -6.86 -10.29
C HIS B 195 -15.99 -6.17 -9.93
N ASN B 196 -17.07 -6.95 -9.91
CA ASN B 196 -18.40 -6.46 -9.52
C ASN B 196 -18.40 -5.74 -8.16
N PHE B 197 -17.50 -6.14 -7.28
CA PHE B 197 -17.51 -5.60 -5.90
C PHE B 197 -16.63 -4.36 -5.86
N GLY B 198 -16.05 -4.04 -7.02
CA GLY B 198 -15.31 -2.80 -7.16
C GLY B 198 -13.80 -2.91 -7.20
N ALA B 199 -13.30 -4.15 -7.31
CA ALA B 199 -11.86 -4.35 -7.43
C ALA B 199 -11.40 -4.40 -8.89
N GLU B 200 -10.32 -3.69 -9.17
CA GLU B 200 -9.68 -3.80 -10.46
C GLU B 200 -8.49 -4.72 -10.28
N HIS B 201 -7.75 -4.98 -11.36
CA HIS B 201 -6.63 -5.89 -11.29
C HIS B 201 -5.53 -5.38 -10.39
N ASP B 202 -4.88 -6.30 -9.67
CA ASP B 202 -3.80 -5.94 -8.76
C ASP B 202 -2.67 -5.33 -9.56
N PRO B 203 -2.13 -4.18 -9.09
CA PRO B 203 -1.01 -3.48 -9.74
C PRO B 203 0.36 -4.02 -9.41
N ASP B 204 1.20 -4.20 -10.42
CA ASP B 204 2.59 -4.65 -10.21
C ASP B 204 3.42 -3.64 -9.44
N GLY B 205 3.10 -2.36 -9.61
CA GLY B 205 3.82 -1.25 -8.97
C GLY B 205 3.67 -1.20 -7.46
N LEU B 206 2.55 -1.71 -6.96
CA LEU B 206 2.36 -1.86 -5.51
C LEU B 206 2.71 -3.32 -5.19
N ALA B 207 4.00 -3.56 -4.96
CA ALA B 207 4.55 -4.91 -4.91
C ALA B 207 3.94 -5.80 -3.82
N GLU B 208 3.39 -5.15 -2.80
CA GLU B 208 2.59 -5.78 -1.74
C GLU B 208 1.33 -6.44 -2.29
N CYS B 209 0.91 -6.01 -3.47
CA CYS B 209 -0.35 -6.43 -4.03
C CYS B 209 -0.15 -7.51 -5.10
N ALA B 210 1.11 -7.79 -5.41
CA ALA B 210 1.49 -8.83 -6.36
C ALA B 210 2.75 -9.56 -5.89
N PRO B 211 2.68 -10.24 -4.73
CA PRO B 211 3.87 -10.85 -4.15
C PRO B 211 4.46 -11.97 -5.00
N ASN B 212 5.70 -12.35 -4.71
CA ASN B 212 6.32 -13.48 -5.42
C ASN B 212 5.97 -14.83 -4.79
N GLU B 213 6.47 -15.90 -5.39
CA GLU B 213 6.19 -17.28 -4.95
C GLU B 213 6.38 -17.53 -3.45
N ASP B 214 7.57 -17.19 -2.95
CA ASP B 214 7.92 -17.42 -1.55
C ASP B 214 7.22 -16.50 -0.57
N GLN B 215 6.61 -15.44 -1.10
CA GLN B 215 5.80 -14.57 -0.24
C GLN B 215 4.33 -14.94 -0.31
N GLY B 216 4.02 -16.03 -0.99
CA GLY B 216 2.69 -16.63 -1.00
C GLY B 216 1.93 -16.51 -2.31
N GLY B 217 2.63 -16.08 -3.37
CA GLY B 217 2.04 -15.96 -4.70
C GLY B 217 1.12 -14.74 -4.87
N LYS B 218 0.60 -14.58 -6.09
CA LYS B 218 -0.27 -13.45 -6.40
C LYS B 218 -1.62 -13.65 -5.74
N TYR B 219 -2.41 -12.57 -5.68
CA TYR B 219 -3.71 -12.60 -5.05
C TYR B 219 -4.79 -12.86 -6.11
N VAL B 220 -6.05 -13.02 -5.72
CA VAL B 220 -7.07 -13.47 -6.70
C VAL B 220 -7.29 -12.49 -7.88
N MET B 221 -7.10 -11.20 -7.63
CA MET B 221 -7.36 -10.17 -8.63
C MET B 221 -6.19 -9.92 -9.58
N TYR B 222 -5.14 -10.74 -9.49
CA TYR B 222 -4.03 -10.58 -10.41
C TYR B 222 -4.48 -10.87 -11.85
N PRO B 223 -4.06 -10.05 -12.83
CA PRO B 223 -4.57 -10.22 -14.20
C PRO B 223 -4.13 -11.51 -14.89
N ILE B 224 -2.96 -12.05 -14.52
CA ILE B 224 -2.60 -13.37 -15.02
C ILE B 224 -3.19 -14.37 -14.03
N ALA B 225 -4.07 -15.25 -14.52
CA ALA B 225 -4.89 -16.11 -13.67
C ALA B 225 -4.08 -16.97 -12.70
N VAL B 226 -4.32 -16.79 -11.41
CA VAL B 226 -3.69 -17.62 -10.38
C VAL B 226 -4.15 -19.11 -10.48
N SER B 227 -3.24 -20.04 -10.19
CA SER B 227 -3.48 -21.48 -10.20
C SER B 227 -4.37 -21.98 -9.05
N GLY B 228 -4.25 -21.32 -7.90
CA GLY B 228 -4.96 -21.72 -6.70
C GLY B 228 -4.10 -22.57 -5.80
N ASP B 229 -2.86 -22.81 -6.22
CA ASP B 229 -1.90 -23.56 -5.43
C ASP B 229 -1.35 -22.83 -4.21
N HIS B 230 -1.19 -21.50 -4.30
CA HIS B 230 -0.47 -20.73 -3.28
C HIS B 230 -1.42 -20.01 -2.35
N GLU B 231 -0.98 -19.79 -1.11
CA GLU B 231 -1.81 -19.25 -0.03
C GLU B 231 -2.64 -18.05 -0.48
N ASN B 232 -1.96 -17.05 -1.06
CA ASN B 232 -2.56 -15.78 -1.47
C ASN B 232 -3.58 -15.91 -2.58
N ASN B 233 -3.47 -16.98 -3.39
CA ASN B 233 -4.29 -17.11 -4.61
C ASN B 233 -5.79 -16.94 -4.38
N LYS B 234 -6.27 -17.41 -3.23
CA LYS B 234 -7.68 -17.43 -2.95
C LYS B 234 -8.16 -16.18 -2.23
N MET B 235 -7.24 -15.29 -1.88
CA MET B 235 -7.58 -14.12 -1.08
C MET B 235 -7.48 -12.82 -1.87
N PHE B 236 -7.94 -11.73 -1.27
CA PHE B 236 -7.78 -10.42 -1.87
C PHE B 236 -6.55 -9.71 -1.29
N SER B 237 -5.81 -9.03 -2.16
CA SER B 237 -4.72 -8.14 -1.75
C SER B 237 -5.25 -6.93 -0.99
N GLN B 238 -4.34 -6.14 -0.43
CA GLN B 238 -4.70 -4.87 0.20
C GLN B 238 -5.33 -3.89 -0.78
N CYS B 239 -4.76 -3.77 -1.98
CA CYS B 239 -5.31 -2.99 -3.07
C CYS B 239 -6.78 -3.34 -3.33
N SER B 240 -7.08 -4.64 -3.51
CA SER B 240 -8.45 -5.09 -3.79
C SER B 240 -9.40 -4.73 -2.68
N LYS B 241 -8.92 -4.89 -1.45
CA LYS B 241 -9.73 -4.68 -0.27
C LYS B 241 -10.10 -3.21 -0.11
N GLN B 242 -9.18 -2.32 -0.48
CA GLN B 242 -9.42 -0.88 -0.44
C GLN B 242 -10.60 -0.49 -1.33
N SER B 243 -10.56 -0.94 -2.58
CA SER B 243 -11.56 -0.59 -3.58
C SER B 243 -12.92 -1.21 -3.29
N ILE B 244 -12.92 -2.45 -2.81
CA ILE B 244 -14.18 -3.14 -2.49
C ILE B 244 -14.77 -2.51 -1.23
N TYR B 245 -13.91 -2.24 -0.26
CA TYR B 245 -14.31 -1.52 0.94
C TYR B 245 -14.98 -0.19 0.60
N LYS B 246 -14.41 0.55 -0.34
CA LYS B 246 -14.97 1.83 -0.75
C LYS B 246 -16.30 1.64 -1.47
N THR B 247 -16.36 0.62 -2.34
CA THR B 247 -17.58 0.30 -3.09
C THR B 247 -18.69 -0.17 -2.15
N ILE B 248 -18.37 -1.09 -1.24
CA ILE B 248 -19.33 -1.65 -0.29
C ILE B 248 -19.81 -0.57 0.69
N GLU B 249 -18.91 0.34 1.04
CA GLU B 249 -19.19 1.44 1.95
C GLU B 249 -20.51 2.12 1.62
N SER B 250 -20.64 2.50 0.35
CA SER B 250 -21.77 3.27 -0.13
C SER B 250 -22.77 2.43 -0.90
N LYS B 251 -22.39 1.23 -1.33
CA LYS B 251 -23.33 0.40 -2.10
C LYS B 251 -24.14 -0.57 -1.25
N ALA B 252 -23.62 -0.97 -0.10
CA ALA B 252 -24.36 -1.92 0.74
C ALA B 252 -25.74 -1.34 1.08
N GLN B 253 -25.80 -0.06 1.39
CA GLN B 253 -27.09 0.62 1.68
C GLN B 253 -28.04 0.53 0.47
N GLU B 254 -27.51 0.82 -0.71
CA GLU B 254 -28.26 0.79 -1.98
C GLU B 254 -29.02 -0.53 -2.19
N CYS B 255 -28.33 -1.68 -2.10
CA CYS B 255 -28.93 -2.97 -2.50
C CYS B 255 -28.55 -4.27 -1.75
N PHE B 256 -27.78 -4.18 -0.67
CA PHE B 256 -27.44 -5.38 0.13
C PHE B 256 -28.57 -5.78 1.09
N GLN B 257 -28.73 -7.08 1.33
CA GLN B 257 -29.79 -7.60 2.21
C GLN B 257 -29.26 -8.34 3.44
N GLU B 258 -30.19 -8.92 4.19
CA GLU B 258 -29.86 -9.70 5.37
C GLU B 258 -29.48 -11.12 4.94
N ARG B 259 -28.42 -11.64 5.55
CA ARG B 259 -28.04 -13.04 5.37
C ARG B 259 -29.22 -14.01 5.56
N SER B 260 -29.47 -14.76 4.49
CA SER B 260 -30.33 -15.96 4.44
C SER B 260 -31.59 -15.76 3.58
#